data_8FTS
#
_entry.id   8FTS
#
_cell.length_a   68.347
_cell.length_b   68.347
_cell.length_c   186.207
_cell.angle_alpha   90.00
_cell.angle_beta   90.00
_cell.angle_gamma   90.00
#
_symmetry.space_group_name_H-M   'P 43 21 2'
#
loop_
_entity.id
_entity.type
_entity.pdbx_description
1 polymer Methyltransferase
2 non-polymer 'ZINC ION'
3 non-polymer S-ADENOSYL-L-HOMOCYSTEINE
4 non-polymer '2-OXO-4-METHYLPENTANOIC ACID'
5 water water
#
_entity_poly.entity_id   1
_entity_poly.type   'polypeptide(L)'
_entity_poly.pdbx_seq_one_letter_code
;MATHDIAAQHLADGIAASGPAPDLAAAAAFLEMGDRLGVVAHLDPDRTLETAEVAAALDLPEPALVRYLDAVESAGLVIR
EGEGRYRACPDFDTIRHQAGYISWTMNANRPFIENARDFFTDWDKAARTHVRDYREVAVSSQWMGSHAFYPTALATIIDA
APRKVVDLGAGTCRLLIEVLGAVPGSTGVGLDFAADACRAAEQAVAQAGMTDRLTVVERTIQSVATDPGVLEGADVIHAG
FVFHDMLPEEEDVCDQVLANCRESLAPGGFLAITDAVPYLRNDRERRFSAAVSYYHGEFMRRRLQSEEEWVERLRGAGFS
DVRALTLAFPTGRLFLAHR
;
_entity_poly.pdbx_strand_id   A
#
# COMPACT_ATOMS: atom_id res chain seq x y z
N ILE A 6 -35.71 -15.07 26.15
CA ILE A 6 -35.35 -16.33 26.88
C ILE A 6 -34.27 -17.07 26.08
N ALA A 7 -34.43 -17.07 24.76
CA ALA A 7 -33.41 -17.44 23.79
C ALA A 7 -33.31 -16.31 22.75
N ALA A 8 -34.19 -15.32 22.94
CA ALA A 8 -34.20 -14.05 22.21
C ALA A 8 -33.19 -13.08 22.83
N GLN A 9 -32.84 -13.35 24.09
CA GLN A 9 -31.81 -12.58 24.77
C GLN A 9 -30.44 -13.17 24.46
N HIS A 10 -30.41 -14.49 24.25
CA HIS A 10 -29.22 -15.15 23.74
C HIS A 10 -28.92 -14.61 22.34
N LEU A 11 -29.99 -14.24 21.61
CA LEU A 11 -29.85 -13.74 20.25
C LEU A 11 -29.22 -12.35 20.29
N ALA A 12 -29.80 -11.46 21.10
CA ALA A 12 -29.37 -10.07 21.20
C ALA A 12 -27.92 -9.99 21.69
N ASP A 13 -27.56 -10.85 22.66
CA ASP A 13 -26.23 -10.83 23.26
C ASP A 13 -25.19 -11.38 22.29
N GLY A 14 -25.58 -12.40 21.52
CA GLY A 14 -24.72 -12.93 20.46
C GLY A 14 -24.41 -11.87 19.40
N ILE A 15 -25.45 -11.18 18.93
CA ILE A 15 -25.33 -10.18 17.87
C ILE A 15 -24.35 -9.08 18.33
N ALA A 16 -24.49 -8.68 19.61
CA ALA A 16 -23.64 -7.63 20.18
C ALA A 16 -22.18 -8.08 20.33
N ALA A 17 -21.97 -9.34 20.73
CA ALA A 17 -20.63 -9.90 20.87
C ALA A 17 -19.92 -10.01 19.52
N SER A 18 -20.66 -10.36 18.46
CA SER A 18 -20.10 -10.54 17.13
C SER A 18 -19.76 -9.20 16.48
N GLY A 19 -20.61 -8.19 16.73
CA GLY A 19 -20.47 -6.85 16.17
C GLY A 19 -20.23 -6.87 14.66
N PRO A 20 -19.23 -6.12 14.15
CA PRO A 20 -19.00 -6.00 12.69
C PRO A 20 -18.07 -7.04 12.07
N ALA A 21 -17.61 -7.99 12.89
CA ALA A 21 -16.64 -9.01 12.47
C ALA A 21 -17.18 -9.93 11.36
N PRO A 22 -18.40 -10.51 11.46
CA PRO A 22 -18.95 -11.28 10.33
C PRO A 22 -18.92 -10.58 8.97
N ASP A 23 -19.42 -9.33 8.91
CA ASP A 23 -19.43 -8.54 7.67
C ASP A 23 -18.02 -8.35 7.10
N LEU A 24 -17.06 -8.02 7.96
CA LEU A 24 -15.69 -7.72 7.58
C LEU A 24 -14.96 -9.00 7.14
N ALA A 25 -15.17 -10.09 7.88
CA ALA A 25 -14.58 -11.37 7.52
C ALA A 25 -14.99 -11.78 6.11
N ALA A 26 -16.28 -11.57 5.78
CA ALA A 26 -16.86 -11.98 4.50
C ALA A 26 -16.30 -11.11 3.37
N ALA A 27 -16.35 -9.79 3.57
CA ALA A 27 -15.83 -8.82 2.62
C ALA A 27 -14.38 -9.11 2.28
N ALA A 28 -13.57 -9.40 3.31
CA ALA A 28 -12.14 -9.59 3.09
C ALA A 28 -11.87 -10.83 2.24
N ALA A 29 -12.59 -11.93 2.51
CA ALA A 29 -12.40 -13.18 1.78
C ALA A 29 -12.85 -13.01 0.32
N PHE A 30 -14.05 -12.46 0.12
CA PHE A 30 -14.58 -12.22 -1.21
C PHE A 30 -13.64 -11.36 -2.05
N LEU A 31 -13.08 -10.28 -1.46
CA LEU A 31 -12.32 -9.30 -2.21
C LEU A 31 -10.91 -9.80 -2.53
N GLU A 32 -10.29 -10.54 -1.61
CA GLU A 32 -8.98 -11.13 -1.89
C GLU A 32 -9.11 -12.18 -2.99
N MET A 33 -10.13 -13.03 -2.89
CA MET A 33 -10.37 -14.02 -3.92
C MET A 33 -10.55 -13.31 -5.26
N GLY A 34 -11.42 -12.29 -5.29
CA GLY A 34 -11.71 -11.52 -6.50
C GLY A 34 -10.49 -10.81 -7.09
N ASP A 35 -9.60 -10.32 -6.22
CA ASP A 35 -8.44 -9.56 -6.67
C ASP A 35 -7.41 -10.51 -7.27
N ARG A 36 -7.29 -11.73 -6.72
CA ARG A 36 -6.38 -12.73 -7.25
C ARG A 36 -6.84 -13.19 -8.64
N LEU A 37 -8.16 -13.19 -8.89
CA LEU A 37 -8.74 -13.53 -10.18
C LEU A 37 -8.56 -12.38 -11.17
N GLY A 38 -8.45 -11.15 -10.67
CA GLY A 38 -8.38 -9.96 -11.52
C GLY A 38 -9.73 -9.24 -11.69
N VAL A 39 -10.75 -9.67 -10.94
CA VAL A 39 -12.11 -9.17 -11.05
C VAL A 39 -12.27 -7.81 -10.36
N VAL A 40 -11.58 -7.60 -9.23
CA VAL A 40 -11.82 -6.47 -8.36
C VAL A 40 -11.42 -5.14 -9.04
N ALA A 41 -10.41 -5.17 -9.92
CA ALA A 41 -10.01 -3.96 -10.62
C ALA A 41 -11.14 -3.41 -11.49
N HIS A 42 -12.10 -4.28 -11.86
CA HIS A 42 -13.22 -3.91 -12.70
C HIS A 42 -14.44 -3.50 -11.86
N LEU A 43 -14.33 -3.59 -10.53
CA LEU A 43 -15.44 -3.20 -9.67
C LEU A 43 -15.27 -1.76 -9.20
N ASP A 44 -16.23 -0.92 -9.57
CA ASP A 44 -16.28 0.47 -9.17
C ASP A 44 -17.75 0.86 -9.00
N PRO A 45 -18.11 1.69 -8.00
CA PRO A 45 -19.49 2.14 -7.84
C PRO A 45 -20.00 3.04 -8.97
N ASP A 46 -19.09 3.54 -9.81
CA ASP A 46 -19.43 4.47 -10.88
C ASP A 46 -19.19 3.87 -12.27
N ARG A 47 -18.68 2.64 -12.35
CA ARG A 47 -18.47 1.98 -13.63
C ARG A 47 -19.19 0.64 -13.64
N THR A 48 -19.43 0.10 -14.84
CA THR A 48 -20.02 -1.23 -14.96
C THR A 48 -18.97 -2.26 -15.37
N LEU A 49 -19.14 -3.47 -14.86
CA LEU A 49 -18.36 -4.64 -15.24
C LEU A 49 -19.22 -5.45 -16.22
N GLU A 50 -18.69 -5.63 -17.44
CA GLU A 50 -19.39 -6.32 -18.52
C GLU A 50 -18.82 -7.73 -18.66
N THR A 51 -19.60 -8.73 -18.25
CA THR A 51 -19.07 -10.06 -18.00
C THR A 51 -18.51 -10.69 -19.26
N ALA A 52 -19.21 -10.49 -20.40
CA ALA A 52 -18.83 -11.08 -21.66
C ALA A 52 -17.37 -10.75 -22.00
N GLU A 53 -17.00 -9.49 -21.73
CA GLU A 53 -15.72 -8.91 -22.08
C GLU A 53 -14.67 -9.22 -21.01
N VAL A 54 -15.06 -9.10 -19.73
CA VAL A 54 -14.13 -9.22 -18.62
C VAL A 54 -13.70 -10.69 -18.48
N ALA A 55 -14.67 -11.60 -18.55
CA ALA A 55 -14.39 -13.02 -18.53
C ALA A 55 -13.34 -13.37 -19.57
N ALA A 56 -13.48 -12.81 -20.78
CA ALA A 56 -12.57 -13.10 -21.87
C ALA A 56 -11.21 -12.45 -21.61
N ALA A 57 -11.22 -11.26 -21.01
CA ALA A 57 -9.97 -10.57 -20.74
C ALA A 57 -9.20 -11.26 -19.62
N LEU A 58 -9.93 -11.87 -18.67
CA LEU A 58 -9.30 -12.49 -17.51
C LEU A 58 -9.11 -13.98 -17.75
N ASP A 59 -9.56 -14.46 -18.92
CA ASP A 59 -9.40 -15.84 -19.34
C ASP A 59 -10.07 -16.79 -18.34
N LEU A 60 -11.32 -16.46 -17.97
CA LEU A 60 -12.11 -17.29 -17.08
C LEU A 60 -13.33 -17.78 -17.86
N PRO A 61 -13.92 -18.94 -17.51
CA PRO A 61 -15.23 -19.32 -18.04
C PRO A 61 -16.26 -18.29 -17.59
N GLU A 62 -17.06 -17.79 -18.54
CA GLU A 62 -18.04 -16.76 -18.25
C GLU A 62 -19.00 -17.24 -17.15
N PRO A 63 -19.53 -18.49 -17.21
CA PRO A 63 -20.38 -19.02 -16.13
C PRO A 63 -19.78 -18.98 -14.73
N ALA A 64 -18.47 -19.22 -14.62
CA ALA A 64 -17.81 -19.19 -13.32
C ALA A 64 -17.84 -17.77 -12.76
N LEU A 65 -17.48 -16.78 -13.58
CA LEU A 65 -17.47 -15.38 -13.19
C LEU A 65 -18.85 -14.94 -12.72
N VAL A 66 -19.89 -15.48 -13.38
CA VAL A 66 -21.27 -15.10 -13.12
C VAL A 66 -21.69 -15.62 -11.74
N ARG A 67 -21.21 -16.83 -11.38
CA ARG A 67 -21.56 -17.44 -10.10
C ARG A 67 -20.87 -16.70 -8.95
N TYR A 68 -19.64 -16.25 -9.20
CA TYR A 68 -18.91 -15.41 -8.25
C TYR A 68 -19.69 -14.11 -8.02
N LEU A 69 -20.03 -13.41 -9.12
CA LEU A 69 -20.65 -12.11 -9.03
C LEU A 69 -22.05 -12.20 -8.41
N ASP A 70 -22.73 -13.33 -8.62
CA ASP A 70 -24.03 -13.58 -8.00
C ASP A 70 -23.85 -13.82 -6.50
N ALA A 71 -22.76 -14.48 -6.11
CA ALA A 71 -22.47 -14.67 -4.69
C ALA A 71 -22.23 -13.34 -4.00
N VAL A 72 -21.46 -12.47 -4.67
CA VAL A 72 -21.11 -11.15 -4.17
C VAL A 72 -22.32 -10.22 -4.22
N GLU A 73 -23.25 -10.48 -5.15
CA GLU A 73 -24.49 -9.71 -5.21
C GLU A 73 -25.33 -10.03 -3.97
N SER A 74 -25.51 -11.33 -3.70
CA SER A 74 -26.20 -11.77 -2.50
C SER A 74 -25.59 -11.12 -1.24
N ALA A 75 -24.26 -10.99 -1.21
CA ALA A 75 -23.52 -10.45 -0.07
C ALA A 75 -23.81 -8.97 0.12
N GLY A 76 -24.26 -8.31 -0.96
CA GLY A 76 -24.59 -6.90 -0.90
C GLY A 76 -23.44 -6.01 -1.34
N LEU A 77 -22.37 -6.60 -1.91
CA LEU A 77 -21.16 -5.91 -2.34
C LEU A 77 -21.28 -5.39 -3.79
N VAL A 78 -22.10 -6.05 -4.62
CA VAL A 78 -22.35 -5.57 -5.98
C VAL A 78 -23.84 -5.52 -6.28
N ILE A 79 -24.21 -4.76 -7.31
CA ILE A 79 -25.58 -4.65 -7.81
C ILE A 79 -25.62 -5.14 -9.25
N ARG A 80 -26.64 -5.95 -9.58
CA ARG A 80 -26.83 -6.41 -10.95
C ARG A 80 -27.60 -5.35 -11.73
N GLU A 81 -26.96 -4.78 -12.76
CA GLU A 81 -27.55 -3.70 -13.53
C GLU A 81 -28.46 -4.24 -14.62
N GLY A 82 -27.95 -5.17 -15.45
CA GLY A 82 -28.77 -5.94 -16.37
C GLY A 82 -28.33 -7.40 -16.39
N GLU A 83 -28.35 -8.03 -17.57
CA GLU A 83 -27.69 -9.32 -17.70
C GLU A 83 -26.24 -9.08 -18.09
N GLY A 84 -25.32 -9.77 -17.41
CA GLY A 84 -23.89 -9.59 -17.61
C GLY A 84 -23.40 -8.16 -17.40
N ARG A 85 -24.15 -7.37 -16.62
CA ARG A 85 -23.69 -6.05 -16.19
C ARG A 85 -23.85 -5.92 -14.66
N TYR A 86 -22.77 -5.46 -14.00
CA TYR A 86 -22.70 -5.35 -12.54
C TYR A 86 -21.93 -4.08 -12.20
N ARG A 87 -22.27 -3.48 -11.06
CA ARG A 87 -21.50 -2.37 -10.49
C ARG A 87 -21.33 -2.59 -8.98
N ALA A 88 -20.29 -1.99 -8.40
CA ALA A 88 -20.05 -2.13 -6.97
C ALA A 88 -21.12 -1.37 -6.19
N CYS A 89 -21.38 -1.81 -4.94
CA CYS A 89 -22.30 -1.12 -4.05
C CYS A 89 -21.79 0.31 -3.81
N PRO A 90 -22.65 1.25 -3.36
CA PRO A 90 -22.23 2.65 -3.20
C PRO A 90 -21.04 2.89 -2.26
N ASP A 91 -20.90 2.06 -1.22
CA ASP A 91 -19.86 2.26 -0.21
C ASP A 91 -18.69 1.30 -0.45
N PHE A 92 -18.56 0.81 -1.68
CA PHE A 92 -17.58 -0.22 -1.99
C PHE A 92 -16.15 0.18 -1.61
N ASP A 93 -15.80 1.46 -1.78
CA ASP A 93 -14.41 1.91 -1.62
C ASP A 93 -14.00 1.89 -0.15
N THR A 94 -14.97 2.09 0.76
CA THR A 94 -14.72 2.05 2.19
C THR A 94 -14.58 0.59 2.64
N ILE A 95 -15.44 -0.28 2.09
CA ILE A 95 -15.41 -1.69 2.39
C ILE A 95 -14.07 -2.29 1.96
N ARG A 96 -13.60 -1.94 0.74
CA ARG A 96 -12.32 -2.41 0.23
C ARG A 96 -11.17 -1.88 1.10
N HIS A 97 -11.26 -0.61 1.51
CA HIS A 97 -10.24 -0.01 2.35
C HIS A 97 -10.05 -0.84 3.63
N GLN A 98 -11.16 -1.14 4.33
CA GLN A 98 -11.15 -1.92 5.57
C GLN A 98 -10.59 -3.33 5.32
N ALA A 99 -10.95 -3.94 4.19
CA ALA A 99 -10.47 -5.28 3.87
C ALA A 99 -8.96 -5.25 3.67
N GLY A 100 -8.40 -4.08 3.33
CA GLY A 100 -6.96 -3.92 3.17
C GLY A 100 -6.17 -4.33 4.42
N TYR A 101 -6.69 -3.99 5.61
CA TYR A 101 -6.00 -4.24 6.87
C TYR A 101 -6.00 -5.73 7.17
N ILE A 102 -7.13 -6.41 6.93
CA ILE A 102 -7.25 -7.84 7.16
C ILE A 102 -6.36 -8.60 6.18
N SER A 103 -6.38 -8.17 4.91
CA SER A 103 -5.54 -8.79 3.90
C SER A 103 -4.07 -8.63 4.25
N TRP A 104 -3.68 -7.44 4.73
CA TRP A 104 -2.30 -7.23 5.12
C TRP A 104 -1.87 -8.15 6.28
N THR A 105 -2.62 -8.16 7.39
CA THR A 105 -2.21 -8.97 8.53
C THR A 105 -2.33 -10.47 8.25
N MET A 106 -3.41 -10.90 7.55
CA MET A 106 -3.78 -12.31 7.48
C MET A 106 -3.32 -12.98 6.19
N ASN A 107 -2.99 -12.19 5.15
CA ASN A 107 -2.66 -12.73 3.84
C ASN A 107 -1.20 -12.43 3.51
N ALA A 108 -0.87 -11.15 3.32
CA ALA A 108 0.51 -10.77 3.01
C ALA A 108 1.50 -11.35 4.04
N ASN A 109 1.12 -11.41 5.32
CA ASN A 109 2.06 -11.77 6.38
C ASN A 109 1.83 -13.20 6.89
N ARG A 110 1.11 -14.01 6.11
CA ARG A 110 0.74 -15.38 6.47
C ARG A 110 1.97 -16.25 6.81
N PRO A 111 3.12 -16.14 6.09
CA PRO A 111 4.29 -16.98 6.39
C PRO A 111 4.80 -16.78 7.82
N PHE A 112 4.60 -15.58 8.37
CA PHE A 112 4.99 -15.29 9.74
C PHE A 112 4.00 -15.90 10.73
N ILE A 113 2.70 -15.91 10.38
CA ILE A 113 1.68 -16.45 11.26
C ILE A 113 1.88 -17.96 11.39
N GLU A 114 2.13 -18.64 10.26
CA GLU A 114 2.11 -20.11 10.20
C GLU A 114 3.40 -20.75 10.75
N ASN A 115 4.53 -20.04 10.67
CA ASN A 115 5.84 -20.67 10.90
C ASN A 115 6.60 -19.93 11.99
N ALA A 116 5.89 -19.43 13.01
CA ALA A 116 6.51 -18.67 14.08
C ALA A 116 7.56 -19.52 14.81
N ARG A 117 7.22 -20.79 15.08
CA ARG A 117 8.13 -21.73 15.72
C ARG A 117 9.49 -21.70 15.03
N ASP A 118 9.51 -21.79 13.70
CA ASP A 118 10.74 -21.81 12.92
C ASP A 118 11.54 -20.53 13.08
N PHE A 119 10.85 -19.38 13.05
CA PHE A 119 11.53 -18.10 13.22
C PHE A 119 12.16 -18.00 14.60
N PHE A 120 11.55 -18.65 15.59
CA PHE A 120 11.99 -18.54 16.97
C PHE A 120 13.29 -19.33 17.19
N THR A 121 13.46 -20.45 16.46
CA THR A 121 14.51 -21.40 16.75
C THR A 121 15.70 -21.24 15.80
N ASP A 122 15.45 -20.86 14.54
CA ASP A 122 16.52 -20.62 13.58
C ASP A 122 16.07 -19.56 12.56
N TRP A 123 16.40 -18.29 12.86
CA TRP A 123 15.88 -17.17 12.11
C TRP A 123 16.36 -17.18 10.66
N ASP A 124 17.63 -17.50 10.45
CA ASP A 124 18.25 -17.37 9.13
C ASP A 124 17.63 -18.35 8.15
N LYS A 125 17.50 -19.60 8.58
CA LYS A 125 16.90 -20.66 7.76
C LYS A 125 15.44 -20.31 7.45
N ALA A 126 14.75 -19.72 8.43
CA ALA A 126 13.34 -19.40 8.34
C ALA A 126 13.09 -18.24 7.38
N ALA A 127 13.90 -17.19 7.50
CA ALA A 127 13.79 -15.98 6.71
C ALA A 127 13.87 -16.26 5.20
N ARG A 128 14.60 -17.32 4.80
CA ARG A 128 14.76 -17.59 3.37
C ARG A 128 13.88 -18.76 2.92
N THR A 129 13.28 -19.49 3.88
CA THR A 129 12.35 -20.57 3.55
C THR A 129 10.92 -20.04 3.41
N HIS A 130 10.54 -19.09 4.28
CA HIS A 130 9.16 -18.62 4.39
C HIS A 130 9.10 -17.17 3.94
N VAL A 131 8.73 -16.98 2.66
CA VAL A 131 8.90 -15.70 2.00
C VAL A 131 7.51 -15.17 1.65
N ARG A 132 7.33 -13.84 1.77
CA ARG A 132 6.06 -13.22 1.48
C ARG A 132 5.90 -13.02 -0.03
N ASP A 133 4.64 -13.05 -0.48
CA ASP A 133 4.25 -12.71 -1.83
C ASP A 133 4.11 -11.19 -1.93
N TYR A 134 5.01 -10.56 -2.70
CA TYR A 134 5.09 -9.09 -2.72
C TYR A 134 3.96 -8.48 -3.56
N ARG A 135 3.34 -9.28 -4.41
CA ARG A 135 2.10 -8.85 -5.05
C ARG A 135 1.06 -8.59 -3.97
N GLU A 136 0.94 -9.51 -3.00
CA GLU A 136 -0.02 -9.36 -1.91
C GLU A 136 0.38 -8.21 -0.99
N VAL A 137 1.67 -8.06 -0.71
CA VAL A 137 2.15 -6.96 0.11
C VAL A 137 1.71 -5.62 -0.49
N ALA A 138 1.97 -5.47 -1.80
CA ALA A 138 1.73 -4.21 -2.49
C ALA A 138 0.23 -3.92 -2.63
N VAL A 139 -0.58 -4.94 -2.94
CA VAL A 139 -2.00 -4.71 -3.14
C VAL A 139 -2.67 -4.33 -1.82
N SER A 140 -2.40 -5.10 -0.76
CA SER A 140 -3.02 -4.83 0.53
C SER A 140 -2.64 -3.44 1.03
N SER A 141 -1.38 -3.02 0.81
CA SER A 141 -1.03 -1.68 1.27
C SER A 141 -1.72 -0.60 0.45
N GLN A 142 -1.96 -0.86 -0.85
CA GLN A 142 -2.74 0.06 -1.65
C GLN A 142 -4.14 0.22 -1.06
N TRP A 143 -4.78 -0.88 -0.67
CA TRP A 143 -6.13 -0.81 -0.14
C TRP A 143 -6.15 -0.03 1.18
N MET A 144 -5.18 -0.28 2.07
CA MET A 144 -5.08 0.49 3.30
C MET A 144 -4.84 1.98 2.98
N GLY A 145 -3.97 2.26 2.01
CA GLY A 145 -3.50 3.62 1.74
C GLY A 145 -4.60 4.55 1.24
N SER A 146 -5.56 3.99 0.48
CA SER A 146 -6.59 4.75 -0.22
C SER A 146 -7.17 5.83 0.68
N HIS A 147 -7.48 5.48 1.94
CA HIS A 147 -8.14 6.40 2.84
C HIS A 147 -7.26 6.78 4.02
N ALA A 148 -6.15 6.07 4.24
CA ALA A 148 -5.47 6.21 5.52
C ALA A 148 -4.03 6.73 5.41
N PHE A 149 -3.43 6.77 4.20
CA PHE A 149 -2.11 7.38 4.09
C PHE A 149 -1.79 8.04 2.75
N TYR A 150 -2.57 7.75 1.70
CA TYR A 150 -2.37 8.48 0.44
C TYR A 150 -2.90 9.92 0.56
N PRO A 151 -4.13 10.17 1.07
CA PRO A 151 -4.72 11.52 1.02
C PRO A 151 -3.85 12.69 1.49
N THR A 152 -3.14 12.52 2.61
CA THR A 152 -2.35 13.62 3.17
C THR A 152 -1.17 13.91 2.25
N ALA A 153 -0.45 12.85 1.85
CA ALA A 153 0.72 12.98 0.99
C ALA A 153 0.31 13.51 -0.38
N LEU A 154 -0.87 13.07 -0.85
CA LEU A 154 -1.41 13.45 -2.14
C LEU A 154 -1.69 14.96 -2.15
N ALA A 155 -2.33 15.46 -1.09
CA ALA A 155 -2.73 16.85 -1.02
C ALA A 155 -1.50 17.76 -0.93
N THR A 156 -0.47 17.31 -0.19
CA THR A 156 0.77 18.05 -0.03
C THR A 156 1.46 18.19 -1.38
N ILE A 157 1.42 17.11 -2.18
CA ILE A 157 2.15 17.08 -3.44
C ILE A 157 1.42 17.90 -4.52
N ILE A 158 0.09 17.91 -4.49
CA ILE A 158 -0.70 18.63 -5.48
C ILE A 158 -0.40 20.14 -5.40
N ASP A 159 -0.26 20.66 -4.18
CA ASP A 159 0.27 22.00 -3.96
C ASP A 159 1.73 22.04 -4.42
N ALA A 160 2.15 23.20 -4.92
CA ALA A 160 3.46 23.34 -5.54
C ALA A 160 3.53 22.53 -6.83
N ALA A 161 2.39 22.48 -7.53
CA ALA A 161 2.18 21.80 -8.80
C ALA A 161 3.52 21.36 -9.41
N PRO A 162 3.97 20.12 -9.13
CA PRO A 162 5.26 19.63 -9.63
C PRO A 162 5.19 19.29 -11.11
N ARG A 163 6.37 19.09 -11.71
CA ARG A 163 6.50 18.64 -13.09
C ARG A 163 6.95 17.18 -13.09
N LYS A 164 7.86 16.84 -12.17
CA LYS A 164 8.46 15.52 -12.09
C LYS A 164 8.33 15.01 -10.65
N VAL A 165 7.81 13.79 -10.49
CA VAL A 165 7.66 13.18 -9.18
C VAL A 165 8.25 11.76 -9.20
N VAL A 166 9.06 11.47 -8.19
CA VAL A 166 9.68 10.16 -8.04
C VAL A 166 9.21 9.52 -6.75
N ASP A 167 8.86 8.23 -6.81
CA ASP A 167 8.36 7.45 -5.69
C ASP A 167 9.19 6.19 -5.53
N LEU A 168 9.89 6.09 -4.39
CA LEU A 168 10.73 4.94 -4.08
C LEU A 168 9.88 3.92 -3.31
N GLY A 169 10.02 2.63 -3.68
CA GLY A 169 9.22 1.55 -3.12
C GLY A 169 7.72 1.76 -3.38
N ALA A 170 7.39 2.06 -4.64
CA ALA A 170 6.11 2.61 -5.04
C ALA A 170 4.98 1.56 -5.08
N GLY A 171 5.35 0.27 -5.01
CA GLY A 171 4.35 -0.79 -5.04
C GLY A 171 3.52 -0.77 -6.32
N THR A 172 2.19 -0.60 -6.17
CA THR A 172 1.28 -0.67 -7.31
C THR A 172 1.10 0.70 -7.97
N CYS A 173 1.82 1.71 -7.46
CA CYS A 173 1.98 3.02 -8.06
C CYS A 173 0.71 3.88 -7.97
N ARG A 174 -0.11 3.68 -6.93
CA ARG A 174 -1.39 4.36 -6.86
C ARG A 174 -1.21 5.86 -6.57
N LEU A 175 -0.27 6.19 -5.68
CA LEU A 175 -0.07 7.59 -5.32
C LEU A 175 0.31 8.38 -6.58
N LEU A 176 1.21 7.83 -7.40
CA LEU A 176 1.68 8.52 -8.59
C LEU A 176 0.53 8.67 -9.59
N ILE A 177 -0.28 7.61 -9.72
CA ILE A 177 -1.41 7.65 -10.64
C ILE A 177 -2.33 8.79 -10.22
N GLU A 178 -2.48 8.98 -8.90
CA GLU A 178 -3.39 9.99 -8.40
C GLU A 178 -2.77 11.38 -8.56
N VAL A 179 -1.47 11.49 -8.29
CA VAL A 179 -0.75 12.75 -8.42
C VAL A 179 -0.81 13.21 -9.88
N LEU A 180 -0.50 12.30 -10.81
CA LEU A 180 -0.47 12.61 -12.24
C LEU A 180 -1.86 12.93 -12.77
N GLY A 181 -2.89 12.34 -12.16
CA GLY A 181 -4.27 12.61 -12.55
C GLY A 181 -4.73 14.01 -12.16
N ALA A 182 -4.07 14.58 -11.14
CA ALA A 182 -4.52 15.81 -10.51
C ALA A 182 -3.76 17.03 -11.04
N VAL A 183 -2.48 16.85 -11.41
CA VAL A 183 -1.72 17.96 -11.95
C VAL A 183 -1.52 17.76 -13.46
N PRO A 184 -2.06 18.67 -14.30
CA PRO A 184 -2.32 18.40 -15.72
C PRO A 184 -1.10 17.95 -16.52
N GLY A 185 0.03 18.63 -16.33
CA GLY A 185 1.25 18.31 -17.04
C GLY A 185 2.36 17.87 -16.08
N SER A 186 2.43 16.56 -15.81
CA SER A 186 3.40 16.02 -14.89
C SER A 186 3.87 14.63 -15.33
N THR A 187 5.10 14.29 -14.92
CA THR A 187 5.74 13.02 -15.19
C THR A 187 6.03 12.32 -13.87
N GLY A 188 6.02 10.98 -13.91
CA GLY A 188 6.33 10.19 -12.74
C GLY A 188 7.21 8.99 -13.04
N VAL A 189 8.03 8.61 -12.06
CA VAL A 189 8.81 7.38 -12.09
C VAL A 189 8.60 6.67 -10.75
N GLY A 190 8.24 5.39 -10.84
CA GLY A 190 8.00 4.54 -9.68
C GLY A 190 8.99 3.38 -9.60
N LEU A 191 9.75 3.34 -8.50
CA LEU A 191 10.85 2.40 -8.32
C LEU A 191 10.48 1.35 -7.27
N ASP A 192 10.69 0.07 -7.60
CA ASP A 192 10.32 -1.05 -6.72
C ASP A 192 11.12 -2.29 -7.09
N PHE A 193 11.59 -3.02 -6.08
CA PHE A 193 12.58 -4.08 -6.22
C PHE A 193 11.94 -5.44 -6.51
N ALA A 194 10.60 -5.50 -6.56
CA ALA A 194 9.92 -6.79 -6.65
C ALA A 194 9.21 -6.92 -7.99
N ALA A 195 9.61 -7.94 -8.74
CA ALA A 195 9.04 -8.24 -10.05
C ALA A 195 7.51 -8.26 -9.97
N ASP A 196 6.98 -8.89 -8.91
CA ASP A 196 5.55 -9.17 -8.80
C ASP A 196 4.76 -7.88 -8.64
N ALA A 197 5.31 -6.94 -7.86
CA ALA A 197 4.71 -5.63 -7.65
C ALA A 197 4.78 -4.80 -8.92
N CYS A 198 5.96 -4.79 -9.56
CA CYS A 198 6.22 -4.03 -10.78
C CYS A 198 5.25 -4.43 -11.88
N ARG A 199 5.09 -5.75 -12.08
CA ARG A 199 4.18 -6.29 -13.09
C ARG A 199 2.76 -5.79 -12.83
N ALA A 200 2.36 -5.75 -11.55
CA ALA A 200 1.02 -5.33 -11.17
C ALA A 200 0.86 -3.82 -11.35
N ALA A 201 1.94 -3.07 -11.09
CA ALA A 201 1.95 -1.62 -11.26
C ALA A 201 1.75 -1.24 -12.72
N GLU A 202 2.47 -1.92 -13.63
CA GLU A 202 2.42 -1.64 -15.07
C GLU A 202 0.99 -1.77 -15.56
N GLN A 203 0.33 -2.87 -15.16
CA GLN A 203 -1.03 -3.16 -15.58
C GLN A 203 -1.99 -2.08 -15.08
N ALA A 204 -1.75 -1.59 -13.85
CA ALA A 204 -2.60 -0.57 -13.26
C ALA A 204 -2.36 0.77 -13.94
N VAL A 205 -1.08 1.10 -14.20
CA VAL A 205 -0.71 2.31 -14.90
C VAL A 205 -1.33 2.31 -16.30
N ALA A 206 -1.22 1.16 -17.00
CA ALA A 206 -1.80 1.00 -18.33
C ALA A 206 -3.31 1.24 -18.29
N GLN A 207 -3.98 0.66 -17.28
CA GLN A 207 -5.43 0.77 -17.13
C GLN A 207 -5.85 2.22 -16.91
N ALA A 208 -4.98 3.01 -16.27
CA ALA A 208 -5.27 4.41 -15.99
C ALA A 208 -4.83 5.30 -17.15
N GLY A 209 -4.33 4.69 -18.24
CA GLY A 209 -3.96 5.37 -19.47
C GLY A 209 -2.87 6.42 -19.26
N MET A 210 -1.87 6.07 -18.45
CA MET A 210 -0.79 6.98 -18.10
C MET A 210 0.54 6.30 -18.40
N THR A 211 0.45 5.28 -19.27
CA THR A 211 1.54 4.34 -19.54
C THR A 211 2.79 5.08 -20.02
N ASP A 212 2.60 6.20 -20.73
CA ASP A 212 3.71 6.94 -21.34
C ASP A 212 4.25 8.03 -20.42
N ARG A 213 3.47 8.44 -19.40
CA ARG A 213 3.87 9.51 -18.50
C ARG A 213 4.55 8.95 -17.24
N LEU A 214 4.22 7.69 -16.91
CA LEU A 214 4.63 7.09 -15.64
C LEU A 214 5.52 5.88 -15.92
N THR A 215 6.78 5.95 -15.52
CA THR A 215 7.73 4.89 -15.80
C THR A 215 7.88 3.98 -14.59
N VAL A 216 7.86 2.66 -14.82
CA VAL A 216 8.04 1.67 -13.76
C VAL A 216 9.42 1.03 -13.93
N VAL A 217 10.32 1.31 -12.99
CA VAL A 217 11.66 0.75 -13.06
C VAL A 217 11.91 -0.19 -11.88
N GLU A 218 12.38 -1.40 -12.21
CA GLU A 218 12.57 -2.48 -11.25
C GLU A 218 13.99 -2.46 -10.70
N ARG A 219 14.18 -1.75 -9.58
CA ARG A 219 15.47 -1.59 -8.93
C ARG A 219 15.25 -1.49 -7.42
N THR A 220 16.34 -1.69 -6.67
CA THR A 220 16.35 -1.51 -5.22
C THR A 220 16.44 -0.02 -4.90
N ILE A 221 16.13 0.33 -3.65
CA ILE A 221 16.33 1.69 -3.16
C ILE A 221 17.83 1.88 -2.89
N GLN A 222 18.50 0.78 -2.55
CA GLN A 222 19.95 0.77 -2.34
C GLN A 222 20.67 1.15 -3.62
N SER A 223 20.07 0.78 -4.76
CA SER A 223 20.51 1.12 -6.10
C SER A 223 20.80 2.62 -6.21
N VAL A 224 19.90 3.43 -5.63
CA VAL A 224 19.87 4.87 -5.83
C VAL A 224 21.06 5.53 -5.13
N ALA A 225 21.71 4.80 -4.23
CA ALA A 225 22.86 5.33 -3.50
C ALA A 225 24.03 5.59 -4.46
N THR A 226 24.22 4.69 -5.42
CA THR A 226 25.38 4.72 -6.32
C THR A 226 24.96 5.14 -7.73
N ASP A 227 23.65 5.41 -7.92
CA ASP A 227 23.13 5.64 -9.26
C ASP A 227 21.96 6.62 -9.21
N PRO A 228 22.14 7.85 -8.69
CA PRO A 228 21.05 8.81 -8.54
C PRO A 228 20.47 9.32 -9.87
N GLY A 229 20.99 8.77 -10.98
CA GLY A 229 20.43 9.02 -12.30
C GLY A 229 19.04 8.44 -12.42
N VAL A 230 18.05 9.23 -11.96
CA VAL A 230 16.64 8.87 -11.94
C VAL A 230 15.90 9.96 -11.16
N LEU A 231 16.61 10.54 -10.19
CA LEU A 231 16.08 11.54 -9.28
C LEU A 231 16.10 12.92 -9.95
N GLU A 232 17.29 13.37 -10.37
CA GLU A 232 17.55 14.76 -10.71
C GLU A 232 16.49 15.31 -11.66
N GLY A 233 16.16 16.59 -11.48
CA GLY A 233 15.06 17.24 -12.16
C GLY A 233 13.74 17.02 -11.43
N ALA A 234 13.81 16.44 -10.24
CA ALA A 234 12.64 16.08 -9.45
C ALA A 234 12.19 17.26 -8.62
N ASP A 235 10.88 17.53 -8.65
CA ASP A 235 10.27 18.54 -7.80
C ASP A 235 9.95 17.92 -6.44
N VAL A 236 9.52 16.65 -6.44
CA VAL A 236 9.19 15.92 -5.22
C VAL A 236 9.73 14.49 -5.31
N ILE A 237 10.38 14.04 -4.23
CA ILE A 237 10.72 12.64 -4.05
C ILE A 237 9.91 12.11 -2.85
N HIS A 238 9.18 11.01 -3.07
CA HIS A 238 8.40 10.33 -2.05
C HIS A 238 8.92 8.92 -1.84
N ALA A 239 8.86 8.45 -0.58
CA ALA A 239 9.14 7.06 -0.25
C ALA A 239 8.18 6.57 0.84
N GLY A 240 7.31 5.62 0.48
CA GLY A 240 6.28 5.11 1.38
C GLY A 240 6.58 3.69 1.86
N PHE A 241 7.03 3.59 3.13
CA PHE A 241 7.29 2.33 3.82
C PHE A 241 8.38 1.49 3.14
N VAL A 242 9.53 2.11 2.81
CA VAL A 242 10.67 1.43 2.19
C VAL A 242 11.96 1.71 2.94
N PHE A 243 12.15 2.96 3.39
CA PHE A 243 13.41 3.35 4.00
C PHE A 243 13.83 2.39 5.10
N HIS A 244 12.86 1.78 5.79
CA HIS A 244 13.18 0.87 6.88
C HIS A 244 13.81 -0.42 6.38
N ASP A 245 13.68 -0.71 5.08
CA ASP A 245 14.16 -1.99 4.57
C ASP A 245 15.68 -2.01 4.42
N MET A 246 16.35 -0.94 4.87
CA MET A 246 17.80 -0.96 4.88
C MET A 246 18.37 -0.62 6.27
N LEU A 247 17.55 -0.77 7.31
CA LEU A 247 18.01 -0.59 8.69
C LEU A 247 17.80 -1.89 9.47
N PRO A 248 18.64 -2.22 10.49
CA PRO A 248 19.75 -1.36 10.92
C PRO A 248 21.10 -1.71 10.32
N GLU A 249 21.07 -2.45 9.20
CA GLU A 249 22.25 -3.08 8.63
C GLU A 249 22.96 -2.12 7.67
N GLU A 250 22.22 -1.63 6.66
CA GLU A 250 22.81 -0.81 5.62
C GLU A 250 22.66 0.66 5.95
N GLU A 251 22.97 1.02 7.20
CA GLU A 251 22.77 2.38 7.70
C GLU A 251 23.51 3.40 6.83
N ASP A 252 24.74 3.05 6.41
CA ASP A 252 25.57 3.94 5.62
C ASP A 252 24.92 4.21 4.26
N VAL A 253 24.38 3.14 3.66
CA VAL A 253 23.74 3.22 2.35
C VAL A 253 22.47 4.07 2.43
N CYS A 254 21.80 4.01 3.59
CA CYS A 254 20.59 4.81 3.84
C CYS A 254 20.92 6.29 3.83
N ASP A 255 21.98 6.68 4.57
CA ASP A 255 22.38 8.08 4.71
C ASP A 255 22.98 8.59 3.40
N GLN A 256 23.37 7.65 2.53
CA GLN A 256 23.89 7.97 1.21
C GLN A 256 22.74 8.25 0.24
N VAL A 257 21.65 7.48 0.36
CA VAL A 257 20.47 7.68 -0.46
C VAL A 257 19.83 9.02 -0.08
N LEU A 258 19.89 9.37 1.22
CA LEU A 258 19.29 10.59 1.70
C LEU A 258 20.06 11.79 1.17
N ALA A 259 21.40 11.71 1.24
CA ALA A 259 22.27 12.78 0.76
C ALA A 259 22.03 13.02 -0.73
N ASN A 260 21.87 11.93 -1.49
CA ASN A 260 21.64 11.97 -2.92
C ASN A 260 20.32 12.68 -3.23
N CYS A 261 19.34 12.51 -2.35
CA CYS A 261 18.01 13.11 -2.51
C CYS A 261 18.10 14.62 -2.29
N ARG A 262 18.92 15.03 -1.30
CA ARG A 262 19.15 16.43 -0.95
C ARG A 262 19.66 17.20 -2.18
N GLU A 263 20.56 16.57 -2.94
CA GLU A 263 21.17 17.22 -4.09
C GLU A 263 20.18 17.31 -5.25
N SER A 264 19.59 16.17 -5.62
CA SER A 264 18.87 16.00 -6.87
C SER A 264 17.62 16.86 -6.95
N LEU A 265 17.19 17.41 -5.80
CA LEU A 265 15.93 18.14 -5.69
C LEU A 265 16.04 19.50 -6.38
N ALA A 266 15.09 19.76 -7.30
CA ALA A 266 14.88 21.08 -7.88
C ALA A 266 14.62 22.09 -6.76
N PRO A 267 15.12 23.34 -6.88
CA PRO A 267 15.37 24.20 -5.71
C PRO A 267 14.20 24.48 -4.75
N GLY A 268 12.95 24.31 -5.25
CA GLY A 268 11.77 24.54 -4.43
C GLY A 268 11.36 23.33 -3.59
N GLY A 269 11.61 22.13 -4.13
CA GLY A 269 10.96 20.89 -3.69
C GLY A 269 11.49 20.32 -2.38
N PHE A 270 11.09 19.06 -2.12
CA PHE A 270 11.19 18.42 -0.82
C PHE A 270 11.13 16.89 -0.94
N LEU A 271 11.67 16.22 0.08
CA LEU A 271 11.54 14.78 0.27
C LEU A 271 10.34 14.53 1.20
N ALA A 272 9.48 13.59 0.80
CA ALA A 272 8.35 13.19 1.62
C ALA A 272 8.48 11.71 1.94
N ILE A 273 8.51 11.41 3.25
CA ILE A 273 8.61 10.04 3.73
C ILE A 273 7.37 9.71 4.56
N THR A 274 6.56 8.77 4.07
CA THR A 274 5.56 8.12 4.90
C THR A 274 6.15 6.80 5.40
N ASP A 275 6.19 6.63 6.73
CA ASP A 275 6.76 5.41 7.29
C ASP A 275 6.09 5.09 8.62
N ALA A 276 6.54 4.02 9.27
CA ALA A 276 5.91 3.46 10.45
C ALA A 276 6.82 3.59 11.67
N VAL A 277 6.31 4.21 12.74
CA VAL A 277 7.02 4.32 14.00
C VAL A 277 6.61 3.15 14.90
N PRO A 278 7.47 2.71 15.86
CA PRO A 278 7.20 1.49 16.63
C PRO A 278 6.38 1.66 17.92
N TYR A 279 5.59 0.62 18.22
CA TYR A 279 4.92 0.34 19.49
C TYR A 279 4.35 1.60 20.15
N LEU A 280 3.33 2.20 19.52
CA LEU A 280 2.64 3.30 20.16
C LEU A 280 1.79 2.80 21.33
N ARG A 281 1.42 3.72 22.24
CA ARG A 281 0.81 3.36 23.50
C ARG A 281 -0.63 3.88 23.57
N ASN A 282 -0.94 4.92 22.78
CA ASN A 282 -2.26 5.55 22.79
C ASN A 282 -3.32 4.51 22.40
N ASP A 283 -4.52 4.66 22.96
CA ASP A 283 -5.58 3.68 22.85
C ASP A 283 -5.96 3.40 21.40
N ARG A 284 -6.09 4.45 20.57
CA ARG A 284 -6.49 4.30 19.17
C ARG A 284 -5.47 3.49 18.36
N GLU A 285 -4.16 3.76 18.51
CA GLU A 285 -3.20 3.20 17.56
C GLU A 285 -2.57 1.90 18.07
N ARG A 286 -2.71 1.61 19.37
CA ARG A 286 -1.78 0.69 20.02
C ARG A 286 -1.84 -0.71 19.43
N ARG A 287 -3.06 -1.16 19.05
CA ARG A 287 -3.24 -2.56 18.72
C ARG A 287 -2.65 -2.87 17.34
N PHE A 288 -3.00 -2.06 16.35
CA PHE A 288 -2.44 -2.27 15.02
C PHE A 288 -0.97 -1.84 14.97
N SER A 289 -0.62 -0.83 15.79
CA SER A 289 0.77 -0.45 15.97
C SER A 289 1.62 -1.67 16.33
N ALA A 290 1.15 -2.43 17.33
CA ALA A 290 1.87 -3.60 17.81
C ALA A 290 2.08 -4.62 16.70
N ALA A 291 1.06 -4.84 15.85
CA ALA A 291 1.14 -5.82 14.78
C ALA A 291 2.18 -5.43 13.73
N VAL A 292 2.17 -4.16 13.31
CA VAL A 292 3.14 -3.67 12.34
C VAL A 292 4.56 -3.79 12.91
N SER A 293 4.70 -3.49 14.21
CA SER A 293 5.98 -3.39 14.91
C SER A 293 6.58 -4.77 15.13
N TYR A 294 5.72 -5.74 15.49
CA TYR A 294 6.14 -7.10 15.77
C TYR A 294 6.55 -7.80 14.47
N TYR A 295 5.77 -7.58 13.39
CA TYR A 295 6.10 -8.21 12.13
C TYR A 295 7.45 -7.67 11.65
N HIS A 296 7.68 -6.36 11.80
CA HIS A 296 8.90 -5.72 11.34
C HIS A 296 10.11 -6.10 12.21
N GLY A 297 9.96 -6.00 13.54
CA GLY A 297 11.06 -6.21 14.46
C GLY A 297 11.48 -7.69 14.55
N GLU A 298 10.49 -8.57 14.71
CA GLU A 298 10.73 -9.97 15.00
C GLU A 298 10.93 -10.77 13.72
N PHE A 299 10.06 -10.57 12.71
CA PHE A 299 10.04 -11.46 11.56
C PHE A 299 10.94 -10.95 10.43
N MET A 300 10.99 -9.63 10.21
CA MET A 300 11.68 -9.07 9.06
C MET A 300 13.03 -8.48 9.48
N ARG A 301 13.22 -8.30 10.79
CA ARG A 301 14.39 -7.66 11.37
C ARG A 301 14.71 -6.37 10.63
N ARG A 302 13.70 -5.52 10.49
CA ARG A 302 13.89 -4.16 9.99
C ARG A 302 13.62 -3.20 11.14
N ARG A 303 14.40 -2.12 11.21
CA ARG A 303 14.32 -1.20 12.34
C ARG A 303 13.35 -0.08 12.00
N LEU A 304 12.28 0.04 12.80
CA LEU A 304 11.38 1.17 12.70
C LEU A 304 11.87 2.26 13.64
N GLN A 305 11.98 3.48 13.12
CA GLN A 305 12.45 4.61 13.90
C GLN A 305 11.27 5.37 14.47
N SER A 306 11.44 5.87 15.70
CA SER A 306 10.49 6.78 16.32
C SER A 306 10.43 8.08 15.51
N GLU A 307 9.45 8.92 15.87
CA GLU A 307 9.25 10.22 15.27
C GLU A 307 10.50 11.08 15.47
N GLU A 308 10.98 11.12 16.72
CA GLU A 308 12.14 11.91 17.15
C GLU A 308 13.36 11.55 16.28
N GLU A 309 13.66 10.25 16.19
CA GLU A 309 14.80 9.73 15.46
C GLU A 309 14.72 10.10 13.98
N TRP A 310 13.52 10.03 13.38
CA TRP A 310 13.37 10.30 11.96
C TRP A 310 13.68 11.75 11.65
N VAL A 311 13.20 12.65 12.53
CA VAL A 311 13.41 14.08 12.40
C VAL A 311 14.92 14.38 12.47
N GLU A 312 15.61 13.77 13.43
CA GLU A 312 17.05 13.92 13.64
C GLU A 312 17.81 13.48 12.38
N ARG A 313 17.48 12.29 11.87
CA ARG A 313 18.14 11.74 10.70
C ARG A 313 18.02 12.70 9.52
N LEU A 314 16.80 13.21 9.27
CA LEU A 314 16.56 14.04 8.11
C LEU A 314 17.31 15.37 8.21
N ARG A 315 17.45 15.88 9.44
CA ARG A 315 18.16 17.13 9.71
C ARG A 315 19.65 16.98 9.41
N GLY A 316 20.31 16.06 10.12
CA GLY A 316 21.72 15.76 9.93
C GLY A 316 21.97 14.99 8.63
N ALA A 317 21.18 15.29 7.60
CA ALA A 317 21.41 14.80 6.25
C ALA A 317 21.23 15.95 5.27
N GLY A 318 20.99 17.15 5.82
CA GLY A 318 21.08 18.38 5.03
C GLY A 318 19.77 19.15 5.00
N PHE A 319 18.65 18.45 5.22
CA PHE A 319 17.32 19.04 5.15
C PHE A 319 17.07 19.95 6.34
N SER A 320 16.35 21.04 6.08
CA SER A 320 15.84 21.91 7.13
C SER A 320 14.35 22.13 6.91
N ASP A 321 13.65 22.55 7.97
CA ASP A 321 12.21 22.73 7.92
C ASP A 321 11.54 21.36 7.83
N VAL A 322 11.80 20.51 8.84
CA VAL A 322 11.27 19.16 8.86
C VAL A 322 10.19 19.04 9.95
N ARG A 323 8.99 18.65 9.53
CA ARG A 323 7.86 18.47 10.41
C ARG A 323 7.30 17.06 10.20
N ALA A 324 6.58 16.56 11.22
CA ALA A 324 5.94 15.26 11.18
C ALA A 324 4.43 15.43 11.38
N LEU A 325 3.63 14.66 10.62
CA LEU A 325 2.17 14.71 10.71
C LEU A 325 1.63 13.33 11.09
N THR A 326 0.60 13.31 11.95
CA THR A 326 -0.11 12.09 12.29
C THR A 326 -1.00 11.71 11.11
N LEU A 327 -0.93 10.42 10.71
CA LEU A 327 -1.82 9.87 9.69
C LEU A 327 -2.90 9.04 10.37
N ALA A 328 -3.99 8.81 9.62
CA ALA A 328 -5.10 7.96 10.03
C ALA A 328 -4.64 6.50 10.20
N PHE A 329 -3.77 6.03 9.30
CA PHE A 329 -3.13 4.72 9.42
C PHE A 329 -2.41 4.61 10.76
N PRO A 330 -2.83 3.70 11.68
CA PRO A 330 -2.17 3.59 12.99
C PRO A 330 -0.69 3.24 12.87
N THR A 331 0.13 4.00 13.62
CA THR A 331 1.59 4.11 13.61
C THR A 331 2.16 4.78 12.37
N GLY A 332 1.33 5.26 11.46
CA GLY A 332 1.83 5.91 10.25
C GLY A 332 2.05 7.41 10.49
N ARG A 333 3.18 7.92 9.98
CA ARG A 333 3.55 9.33 10.13
C ARG A 333 4.14 9.84 8.81
N LEU A 334 3.76 11.06 8.42
CA LEU A 334 4.31 11.69 7.22
C LEU A 334 5.37 12.72 7.63
N PHE A 335 6.57 12.58 7.07
CA PHE A 335 7.67 13.50 7.34
C PHE A 335 7.93 14.32 6.09
N LEU A 336 7.86 15.65 6.23
CA LEU A 336 8.18 16.55 5.15
C LEU A 336 9.53 17.22 5.41
N ALA A 337 10.42 17.14 4.42
CA ALA A 337 11.80 17.61 4.55
C ALA A 337 12.19 18.39 3.30
N HIS A 338 12.48 19.68 3.49
CA HIS A 338 12.79 20.58 2.38
C HIS A 338 14.31 20.75 2.23
#